data_6D2I
#
_entry.id   6D2I
#
_cell.length_a   63.905
_cell.length_b   91.131
_cell.length_c   113.100
_cell.angle_alpha   90.00
_cell.angle_beta   90.00
_cell.angle_gamma   90.00
#
_symmetry.space_group_name_H-M   'P 21 21 21'
#
loop_
_entity.id
_entity.type
_entity.pdbx_description
1 polymer 'Tyrosine-protein kinase'
2 non-polymer 1-cyclopropyl-3-{3-[5-(morpholin-4-ylmethyl)-1H-benzimidazol-2-yl]-1H-pyrazol-4-yl}urea
#
_entity_poly.entity_id   1
_entity_poly.type   'polypeptide(L)'
_entity_poly.pdbx_seq_one_letter_code
;VFHKIRNEDLIFNESLGQGTFTKIFKGVRREVGDYGQLHETEVLLKVLDKAHRNYSESFFEAASMMSKLSHKHLVLNYGV
CFCGDENILVQEFVKFGSLDTYLKKNKNCINILWKLEVAKQLAAAMHFLEENTLIHGNVCAKNILLIREEDRKTGNPPFI
KLSDPGISITVLPKDILQERIPWVPPECIENPKNLNLATDKWSFGTTLWEICSGGDKPLSALDSQRKLQFYEDRHQLPAP
KAAELANLINNCMDYEPDHRPSFRAIIRDLNSL
;
_entity_poly.pdbx_strand_id   A,B
#
loop_
_chem_comp.id
_chem_comp.type
_chem_comp.name
_chem_comp.formula
35R non-polymer 1-cyclopropyl-3-{3-[5-(morpholin-4-ylmethyl)-1H-benzimidazol-2-yl]-1H-pyrazol-4-yl}urea 'C19 H23 N7 O2'
#
# COMPACT_ATOMS: atom_id res chain seq x y z
N VAL A 1 -11.24 3.64 23.87
CA VAL A 1 -11.31 2.26 24.31
C VAL A 1 -10.12 1.92 25.21
N PHE A 2 -10.43 1.45 26.42
CA PHE A 2 -9.40 1.11 27.40
C PHE A 2 -10.01 0.35 28.57
N HIS A 3 -10.30 -0.93 28.36
CA HIS A 3 -10.93 -1.74 29.39
C HIS A 3 -10.01 -1.93 30.58
N LYS A 4 -10.62 -2.03 31.76
CA LYS A 4 -9.91 -2.18 33.02
C LYS A 4 -10.30 -3.50 33.67
N ILE A 5 -9.30 -4.22 34.19
CA ILE A 5 -9.51 -5.53 34.80
C ILE A 5 -9.02 -5.46 36.24
N ARG A 6 -9.84 -5.99 37.16
CA ARG A 6 -9.50 -5.95 38.58
C ARG A 6 -8.33 -6.88 38.89
N ASN A 7 -7.48 -6.46 39.83
CA ASN A 7 -6.35 -7.29 40.23
C ASN A 7 -6.83 -8.58 40.90
N GLU A 8 -8.00 -8.56 41.54
CA GLU A 8 -8.54 -9.75 42.18
C GLU A 8 -9.08 -10.76 41.19
N ASP A 9 -9.05 -10.48 39.89
CA ASP A 9 -9.53 -11.39 38.86
C ASP A 9 -8.41 -11.94 38.00
N LEU A 10 -7.15 -11.71 38.38
CA LEU A 10 -6.00 -12.15 37.62
C LEU A 10 -5.09 -12.98 38.51
N ILE A 11 -4.81 -14.21 38.08
CA ILE A 11 -3.84 -15.09 38.73
C ILE A 11 -2.62 -15.18 37.84
N PHE A 12 -1.43 -15.19 38.45
CA PHE A 12 -0.18 -15.30 37.74
C PHE A 12 0.38 -16.70 37.95
N ASN A 13 0.77 -17.37 36.85
CA ASN A 13 1.23 -18.74 36.91
C ASN A 13 2.72 -18.75 36.62
N GLU A 14 3.17 -19.05 35.41
CA GLU A 14 4.57 -19.20 35.09
C GLU A 14 5.11 -18.00 34.32
N SER A 15 6.37 -17.68 34.56
CA SER A 15 7.03 -16.64 33.80
C SER A 15 7.38 -17.15 32.41
N LEU A 16 7.54 -16.21 31.47
CA LEU A 16 7.87 -16.55 30.09
C LEU A 16 9.08 -15.77 29.58
N GLY A 17 9.88 -15.21 30.48
CA GLY A 17 11.07 -14.48 30.11
C GLY A 17 10.84 -12.98 30.04
N GLN A 18 11.94 -12.26 29.87
CA GLN A 18 11.90 -10.81 29.79
C GLN A 18 11.43 -10.39 28.40
N GLY A 19 11.57 -9.10 28.09
CA GLY A 19 11.19 -8.61 26.80
C GLY A 19 11.64 -7.18 26.60
N THR A 20 11.03 -6.51 25.62
CA THR A 20 11.32 -5.12 25.37
C THR A 20 10.77 -4.24 26.49
N PHE A 21 11.58 -4.04 27.54
CA PHE A 21 11.23 -3.26 28.72
C PHE A 21 10.08 -3.87 29.50
N THR A 22 9.70 -5.12 29.24
CA THR A 22 8.58 -5.76 29.90
C THR A 22 9.01 -7.11 30.47
N LYS A 23 8.10 -7.73 31.20
CA LYS A 23 8.27 -9.09 31.69
C LYS A 23 6.97 -9.85 31.44
N ILE A 24 7.09 -11.07 30.92
CA ILE A 24 5.96 -11.84 30.42
C ILE A 24 5.60 -12.92 31.43
N PHE A 25 4.29 -13.15 31.59
CA PHE A 25 3.79 -14.17 32.51
C PHE A 25 2.54 -14.80 31.94
N LYS A 26 2.39 -16.11 32.13
CA LYS A 26 1.14 -16.79 31.82
C LYS A 26 0.22 -16.72 33.03
N GLY A 27 -1.07 -16.56 32.79
CA GLY A 27 -2.00 -16.44 33.88
C GLY A 27 -3.43 -16.75 33.45
N VAL A 28 -4.32 -16.68 34.43
CA VAL A 28 -5.73 -16.96 34.23
C VAL A 28 -6.55 -15.74 34.63
N ARG A 29 -7.54 -15.41 33.82
CA ARG A 29 -8.51 -14.35 34.13
C ARG A 29 -9.84 -15.01 34.47
N ARG A 30 -10.36 -14.73 35.66
CA ARG A 30 -11.63 -15.29 36.12
C ARG A 30 -12.72 -14.25 35.89
N GLU A 31 -13.58 -14.51 34.91
CA GLU A 31 -14.68 -13.63 34.56
C GLU A 31 -16.00 -14.38 34.72
N VAL A 32 -17.07 -13.62 34.95
CA VAL A 32 -18.40 -14.19 35.17
C VAL A 32 -19.17 -14.13 33.85
N GLY A 33 -19.52 -15.29 33.32
CA GLY A 33 -20.30 -15.38 32.10
C GLY A 33 -21.79 -15.34 32.37
N ASP A 34 -22.55 -15.59 31.31
CA ASP A 34 -24.01 -15.60 31.42
C ASP A 34 -24.47 -16.76 32.29
N TYR A 35 -25.67 -16.61 32.84
CA TYR A 35 -26.32 -17.56 33.76
C TYR A 35 -25.59 -17.68 35.09
N GLY A 36 -24.62 -16.82 35.36
CA GLY A 36 -23.95 -16.81 36.65
C GLY A 36 -22.84 -17.82 36.80
N GLN A 37 -22.15 -18.16 35.71
CA GLN A 37 -21.09 -19.17 35.72
C GLN A 37 -19.75 -18.47 35.50
N LEU A 38 -18.84 -18.61 36.46
CA LEU A 38 -17.50 -18.05 36.30
C LEU A 38 -16.78 -18.75 35.14
N HIS A 39 -16.12 -17.95 34.31
CA HIS A 39 -15.51 -18.45 33.08
C HIS A 39 -14.03 -18.08 33.09
N GLU A 40 -13.20 -18.99 33.59
CA GLU A 40 -11.77 -18.80 33.57
C GLU A 40 -11.25 -18.84 32.12
N THR A 41 -10.14 -18.14 31.90
CA THR A 41 -9.58 -18.02 30.56
C THR A 41 -8.07 -17.80 30.66
N GLU A 42 -7.31 -18.62 29.94
CA GLU A 42 -5.87 -18.41 29.88
C GLU A 42 -5.56 -17.10 29.18
N VAL A 43 -4.67 -16.29 29.78
CA VAL A 43 -4.35 -14.97 29.28
C VAL A 43 -2.84 -14.77 29.35
N LEU A 44 -2.39 -13.72 28.65
CA LEU A 44 -1.00 -13.29 28.69
C LEU A 44 -0.92 -12.01 29.51
N LEU A 45 0.02 -11.94 30.43
CA LEU A 45 0.18 -10.80 31.34
C LEU A 45 1.54 -10.16 31.08
N LYS A 46 1.51 -8.95 30.52
CA LYS A 46 2.71 -8.23 30.13
C LYS A 46 2.93 -7.08 31.11
N VAL A 47 3.90 -7.24 31.99
CA VAL A 47 4.16 -6.28 33.06
C VAL A 47 5.28 -5.34 32.62
N LEU A 48 5.01 -4.04 32.61
CA LEU A 48 6.04 -3.06 32.32
C LEU A 48 7.08 -3.04 33.43
N ASP A 49 8.34 -2.88 33.04
CA ASP A 49 9.42 -2.81 34.03
C ASP A 49 9.25 -1.60 34.91
N LYS A 50 9.28 -1.82 36.23
CA LYS A 50 9.17 -0.71 37.17
C LYS A 50 10.31 0.28 37.01
N ALA A 51 11.50 -0.21 36.68
CA ALA A 51 12.63 0.68 36.45
C ALA A 51 12.38 1.60 35.27
N HIS A 52 11.59 1.17 34.29
CA HIS A 52 11.27 2.00 33.15
C HIS A 52 9.80 2.44 33.20
N ARG A 53 9.36 2.96 34.35
CA ARG A 53 7.99 3.45 34.48
C ARG A 53 7.75 4.73 33.69
N ASN A 54 8.81 5.39 33.21
CA ASN A 54 8.64 6.61 32.43
C ASN A 54 8.01 6.33 31.06
N TYR A 55 8.05 5.09 30.59
CA TYR A 55 7.49 4.73 29.30
C TYR A 55 6.04 4.27 29.40
N SER A 56 5.34 4.62 30.49
CA SER A 56 3.97 4.16 30.69
C SER A 56 3.00 4.76 29.69
N GLU A 57 3.30 5.94 29.14
CA GLU A 57 2.38 6.59 28.23
C GLU A 57 2.28 5.83 26.91
N SER A 58 3.42 5.57 26.27
CA SER A 58 3.40 4.79 25.04
C SER A 58 3.06 3.32 25.30
N PHE A 59 3.41 2.82 26.49
CA PHE A 59 3.04 1.46 26.88
C PHE A 59 1.52 1.27 26.86
N PHE A 60 0.76 2.32 27.20
CA PHE A 60 -0.69 2.25 27.18
C PHE A 60 -1.28 2.69 25.84
N GLU A 61 -0.58 3.55 25.09
CA GLU A 61 -1.03 3.86 23.74
C GLU A 61 -0.96 2.65 22.83
N ALA A 62 -0.07 1.70 23.13
CA ALA A 62 -0.05 0.46 22.37
C ALA A 62 -1.26 -0.40 22.66
N ALA A 63 -1.68 -0.46 23.93
CA ALA A 63 -2.83 -1.26 24.31
C ALA A 63 -4.13 -0.64 23.81
N SER A 64 -4.21 0.69 23.83
CA SER A 64 -5.41 1.36 23.34
C SER A 64 -5.61 1.15 21.84
N MET A 65 -4.51 1.01 21.09
CA MET A 65 -4.63 0.78 19.65
C MET A 65 -5.14 -0.63 19.37
N MET A 66 -4.56 -1.65 20.02
CA MET A 66 -4.92 -3.02 19.73
C MET A 66 -6.31 -3.37 20.26
N SER A 67 -6.77 -2.70 21.32
CA SER A 67 -8.11 -2.94 21.84
C SER A 67 -9.19 -2.43 20.91
N LYS A 68 -8.86 -1.54 19.98
CA LYS A 68 -9.80 -1.01 19.01
C LYS A 68 -9.92 -1.88 17.77
N LEU A 69 -9.00 -2.82 17.57
CA LEU A 69 -8.88 -3.59 16.35
C LEU A 69 -9.36 -5.02 16.55
N SER A 70 -10.03 -5.57 15.53
CA SER A 70 -10.50 -6.94 15.54
C SER A 70 -10.12 -7.57 14.20
N HIS A 71 -9.01 -8.30 14.19
CA HIS A 71 -8.51 -8.92 12.98
C HIS A 71 -8.09 -10.35 13.29
N LYS A 72 -8.18 -11.22 12.27
CA LYS A 72 -7.88 -12.62 12.47
C LYS A 72 -6.43 -12.86 12.87
N HIS A 73 -5.51 -12.03 12.36
CA HIS A 73 -4.08 -12.23 12.57
C HIS A 73 -3.49 -11.17 13.50
N LEU A 74 -4.29 -10.64 14.42
CA LEU A 74 -3.82 -9.69 15.42
C LEU A 74 -4.12 -10.23 16.81
N VAL A 75 -3.14 -10.13 17.70
CA VAL A 75 -3.31 -10.60 19.07
C VAL A 75 -4.30 -9.69 19.79
N LEU A 76 -5.38 -10.28 20.29
CA LEU A 76 -6.39 -9.50 20.98
C LEU A 76 -5.90 -9.05 22.35
N ASN A 77 -6.30 -7.83 22.73
CA ASN A 77 -5.97 -7.27 24.04
C ASN A 77 -7.25 -7.24 24.87
N TYR A 78 -7.24 -7.98 25.99
CA TYR A 78 -8.42 -8.06 26.84
C TYR A 78 -8.63 -6.80 27.66
N GLY A 79 -7.55 -6.16 28.10
CA GLY A 79 -7.70 -4.94 28.89
C GLY A 79 -6.39 -4.50 29.52
N VAL A 80 -6.52 -3.84 30.66
CA VAL A 80 -5.37 -3.30 31.38
C VAL A 80 -5.62 -3.44 32.88
N CYS A 81 -4.60 -3.87 33.62
CA CYS A 81 -4.66 -3.91 35.07
C CYS A 81 -3.70 -2.88 35.66
N PHE A 82 -4.20 -2.10 36.60
CA PHE A 82 -3.33 -1.33 37.50
C PHE A 82 -3.03 -2.15 38.75
N CYS A 83 -2.60 -3.39 38.50
CA CYS A 83 -2.32 -4.38 39.54
C CYS A 83 -1.28 -3.86 40.53
N GLY A 84 -1.75 -3.25 41.62
CA GLY A 84 -0.83 -2.71 42.60
C GLY A 84 -0.07 -1.53 42.02
N ASP A 85 1.25 -1.55 42.19
CA ASP A 85 2.10 -0.48 41.68
C ASP A 85 2.39 -0.61 40.19
N GLU A 86 2.27 -1.81 39.63
CA GLU A 86 2.72 -2.07 38.26
C GLU A 86 1.59 -1.88 37.27
N ASN A 87 1.96 -1.58 36.03
CA ASN A 87 1.03 -1.47 34.92
C ASN A 87 1.15 -2.72 34.05
N ILE A 88 0.04 -3.42 33.84
CA ILE A 88 0.04 -4.73 33.22
C ILE A 88 -0.96 -4.74 32.06
N LEU A 89 -0.58 -5.39 30.97
CA LEU A 89 -1.47 -5.64 29.84
C LEU A 89 -1.95 -7.08 29.88
N VAL A 90 -3.23 -7.28 29.57
CA VAL A 90 -3.84 -8.61 29.51
C VAL A 90 -4.23 -8.87 28.07
N GLN A 91 -3.65 -9.93 27.49
CA GLN A 91 -3.81 -10.22 26.08
C GLN A 91 -4.19 -11.68 25.88
N GLU A 92 -4.54 -12.00 24.63
CA GLU A 92 -4.82 -13.38 24.25
C GLU A 92 -3.55 -14.21 24.30
N PHE A 93 -3.62 -15.35 24.98
CA PHE A 93 -2.46 -16.20 25.13
C PHE A 93 -2.31 -17.12 23.93
N VAL A 94 -1.12 -17.13 23.32
CA VAL A 94 -0.79 -18.03 22.23
C VAL A 94 0.07 -19.15 22.79
N LYS A 95 -0.16 -20.37 22.30
CA LYS A 95 0.41 -21.56 22.93
C LYS A 95 1.88 -21.76 22.59
N PHE A 96 2.29 -21.47 21.36
CA PHE A 96 3.60 -21.86 20.87
C PHE A 96 4.62 -20.72 20.90
N GLY A 97 4.24 -19.54 21.38
CA GLY A 97 5.21 -18.51 21.66
C GLY A 97 5.72 -17.77 20.43
N SER A 98 6.91 -17.20 20.58
CA SER A 98 7.48 -16.32 19.56
C SER A 98 7.88 -17.10 18.33
N LEU A 99 7.78 -16.43 17.17
CA LEU A 99 8.10 -17.08 15.91
C LEU A 99 9.60 -17.24 15.71
N ASP A 100 10.40 -16.28 16.21
CA ASP A 100 11.84 -16.33 15.97
C ASP A 100 12.48 -17.54 16.66
N THR A 101 12.00 -17.88 17.86
CA THR A 101 12.50 -19.07 18.53
C THR A 101 11.92 -20.35 17.95
N TYR A 102 10.80 -20.26 17.22
CA TYR A 102 10.24 -21.43 16.55
C TYR A 102 10.98 -21.73 15.25
N LEU A 103 11.39 -20.68 14.53
CA LEU A 103 12.19 -20.89 13.33
C LEU A 103 13.56 -21.46 13.68
N LYS A 104 14.14 -21.03 14.80
CA LYS A 104 15.46 -21.53 15.16
C LYS A 104 15.40 -22.96 15.68
N LYS A 105 14.31 -23.32 16.35
CA LYS A 105 14.19 -24.66 16.92
C LYS A 105 13.99 -25.71 15.82
N ASN A 106 13.17 -25.39 14.82
CA ASN A 106 12.88 -26.32 13.73
C ASN A 106 13.42 -25.79 12.41
N LYS A 107 14.69 -25.37 12.40
CA LYS A 107 15.24 -24.65 11.26
C LYS A 107 15.25 -25.51 9.99
N ASN A 108 15.64 -26.77 10.11
CA ASN A 108 15.76 -27.65 8.95
C ASN A 108 14.49 -28.41 8.63
N CYS A 109 13.45 -28.27 9.45
CA CYS A 109 12.19 -28.99 9.25
C CYS A 109 11.09 -28.10 8.70
N ILE A 110 11.39 -26.85 8.38
CA ILE A 110 10.40 -25.88 7.93
C ILE A 110 10.45 -25.82 6.41
N ASN A 111 9.39 -26.27 5.76
CA ASN A 111 9.28 -26.20 4.32
C ASN A 111 9.11 -24.74 3.89
N ILE A 112 9.29 -24.51 2.59
CA ILE A 112 9.16 -23.15 2.07
C ILE A 112 7.70 -22.77 1.84
N LEU A 113 6.81 -23.76 1.67
CA LEU A 113 5.38 -23.46 1.68
C LEU A 113 4.92 -23.04 3.06
N TRP A 114 5.61 -23.52 4.10
CA TRP A 114 5.34 -23.07 5.46
C TRP A 114 5.69 -21.59 5.62
N LYS A 115 6.87 -21.19 5.18
CA LYS A 115 7.29 -19.79 5.28
C LYS A 115 6.43 -18.89 4.38
N LEU A 116 5.93 -19.43 3.28
CA LEU A 116 5.14 -18.62 2.36
C LEU A 116 3.75 -18.33 2.95
N GLU A 117 3.15 -19.31 3.62
CA GLU A 117 1.83 -19.08 4.21
C GLU A 117 1.93 -18.15 5.42
N VAL A 118 2.99 -18.30 6.23
CA VAL A 118 3.20 -17.39 7.35
C VAL A 118 3.34 -15.96 6.87
N ALA A 119 4.09 -15.76 5.77
CA ALA A 119 4.23 -14.43 5.21
C ALA A 119 2.91 -13.91 4.65
N LYS A 120 2.02 -14.80 4.19
CA LYS A 120 0.71 -14.35 3.72
C LYS A 120 -0.13 -13.86 4.89
N GLN A 121 -0.09 -14.57 6.02
CA GLN A 121 -0.87 -14.16 7.18
C GLN A 121 -0.35 -12.83 7.74
N LEU A 122 0.96 -12.66 7.78
CA LEU A 122 1.54 -11.41 8.26
C LEU A 122 1.20 -10.25 7.33
N ALA A 123 1.28 -10.48 6.01
CA ALA A 123 0.94 -9.44 5.06
C ALA A 123 -0.56 -9.12 5.09
N ALA A 124 -1.39 -10.07 5.51
CA ALA A 124 -2.82 -9.80 5.63
C ALA A 124 -3.09 -8.76 6.72
N ALA A 125 -2.44 -8.93 7.88
CA ALA A 125 -2.64 -7.97 8.96
C ALA A 125 -2.05 -6.61 8.60
N MET A 126 -0.89 -6.58 7.94
CA MET A 126 -0.29 -5.31 7.56
C MET A 126 -1.15 -4.58 6.54
N HIS A 127 -1.86 -5.32 5.68
CA HIS A 127 -2.79 -4.68 4.76
C HIS A 127 -4.00 -4.12 5.50
N PHE A 128 -4.44 -4.83 6.56
CA PHE A 128 -5.55 -4.33 7.36
C PHE A 128 -5.19 -3.01 8.04
N LEU A 129 -3.98 -2.93 8.61
CA LEU A 129 -3.55 -1.69 9.24
C LEU A 129 -3.35 -0.59 8.21
N GLU A 130 -2.79 -0.93 7.04
CA GLU A 130 -2.61 0.06 5.98
C GLU A 130 -3.95 0.55 5.46
N GLU A 131 -4.92 -0.34 5.33
CA GLU A 131 -6.25 0.05 4.88
C GLU A 131 -6.90 1.02 5.87
N ASN A 132 -6.63 0.85 7.17
CA ASN A 132 -7.16 1.73 8.20
C ASN A 132 -6.14 2.75 8.69
N THR A 133 -5.19 3.11 7.82
CA THR A 133 -4.15 4.13 8.08
C THR A 133 -3.64 4.09 9.52
N LEU A 134 -3.26 2.89 9.95
CA LEU A 134 -2.72 2.66 11.30
C LEU A 134 -1.27 2.21 11.21
N ILE A 135 -0.45 2.71 12.12
CA ILE A 135 0.98 2.42 12.16
C ILE A 135 1.27 1.49 13.33
N HIS A 136 2.04 0.43 13.06
CA HIS A 136 2.42 -0.52 14.12
C HIS A 136 3.71 -0.05 14.79
N GLY A 137 4.83 -0.12 14.08
CA GLY A 137 6.08 0.43 14.57
C GLY A 137 7.05 -0.57 15.16
N ASN A 138 6.64 -1.82 15.36
CA ASN A 138 7.52 -2.84 15.92
C ASN A 138 7.17 -4.19 15.30
N VAL A 139 7.31 -4.28 13.98
CA VAL A 139 7.04 -5.51 13.23
C VAL A 139 8.36 -6.28 13.15
N CYS A 140 8.50 -7.29 14.01
CA CYS A 140 9.68 -8.15 14.00
C CYS A 140 9.25 -9.57 14.29
N ALA A 141 10.16 -10.52 14.02
CA ALA A 141 9.85 -11.92 14.22
C ALA A 141 9.66 -12.26 15.70
N LYS A 142 10.28 -11.50 16.59
CA LYS A 142 10.12 -11.75 18.02
C LYS A 142 8.71 -11.40 18.50
N ASN A 143 8.05 -10.47 17.81
CA ASN A 143 6.69 -10.08 18.15
C ASN A 143 5.62 -10.93 17.47
N ILE A 144 5.99 -11.71 16.46
CA ILE A 144 5.04 -12.59 15.79
C ILE A 144 4.88 -13.86 16.63
N LEU A 145 3.64 -14.34 16.72
CA LEU A 145 3.29 -15.42 17.62
C LEU A 145 2.51 -16.50 16.89
N LEU A 146 2.87 -17.76 17.15
CA LEU A 146 2.29 -18.92 16.49
C LEU A 146 1.26 -19.55 17.43
N ILE A 147 0.01 -19.64 16.97
CA ILE A 147 -1.05 -20.22 17.80
C ILE A 147 -1.31 -21.66 17.35
N ARG A 148 -1.02 -21.95 16.09
CA ARG A 148 -1.18 -23.30 15.54
C ARG A 148 0.02 -23.64 14.67
N GLU A 149 0.62 -24.80 14.92
CA GLU A 149 1.69 -25.29 14.08
C GLU A 149 1.14 -26.08 12.91
N GLU A 150 1.99 -26.30 11.91
CA GLU A 150 1.56 -26.93 10.67
C GLU A 150 1.02 -28.33 10.91
N ASP A 151 -0.07 -28.66 10.20
CA ASP A 151 -0.69 -30.00 10.26
C ASP A 151 -1.17 -30.33 8.84
N ARG A 152 -0.27 -30.88 8.03
CA ARG A 152 -0.61 -31.24 6.65
C ARG A 152 -1.61 -32.38 6.58
N LYS A 153 -1.75 -33.17 7.65
CA LYS A 153 -2.70 -34.27 7.65
C LYS A 153 -4.13 -33.77 7.71
N THR A 154 -4.39 -32.70 8.47
CA THR A 154 -5.71 -32.09 8.53
C THR A 154 -5.94 -31.10 7.40
N GLY A 155 -4.86 -30.61 6.78
CA GLY A 155 -4.97 -29.62 5.74
C GLY A 155 -4.99 -28.19 6.23
N ASN A 156 -5.00 -27.97 7.54
CA ASN A 156 -4.98 -26.61 8.09
C ASN A 156 -3.55 -26.08 8.16
N PRO A 157 -3.37 -24.82 7.77
CA PRO A 157 -2.02 -24.22 7.74
C PRO A 157 -1.54 -23.90 9.15
N PRO A 158 -0.28 -23.48 9.29
CA PRO A 158 0.13 -22.83 10.54
C PRO A 158 -0.56 -21.48 10.67
N PHE A 159 -0.68 -21.02 11.91
CA PHE A 159 -1.44 -19.82 12.24
C PHE A 159 -0.58 -18.92 13.09
N ILE A 160 -0.33 -17.70 12.61
CA ILE A 160 0.45 -16.70 13.32
C ILE A 160 -0.42 -15.50 13.62
N LYS A 161 -0.05 -14.78 14.69
CA LYS A 161 -0.71 -13.54 15.07
C LYS A 161 0.35 -12.55 15.54
N LEU A 162 0.16 -11.28 15.21
CA LEU A 162 1.09 -10.23 15.60
C LEU A 162 0.64 -9.61 16.92
N SER A 163 1.61 -9.35 17.79
CA SER A 163 1.32 -8.84 19.13
C SER A 163 1.21 -7.31 19.10
N ASP A 164 1.18 -6.70 20.27
CA ASP A 164 1.02 -5.26 20.39
C ASP A 164 2.28 -4.53 19.91
N PRO A 165 2.14 -3.24 19.54
CA PRO A 165 3.33 -2.50 19.09
C PRO A 165 4.35 -2.25 20.18
N GLY A 166 3.97 -2.34 21.45
CA GLY A 166 4.92 -2.08 22.50
C GLY A 166 5.27 -0.61 22.62
N ILE A 167 6.52 -0.34 22.98
CA ILE A 167 6.98 1.03 23.15
C ILE A 167 7.37 1.61 21.80
N SER A 168 6.82 2.78 21.47
CA SER A 168 7.11 3.42 20.20
C SER A 168 8.58 3.83 20.13
N ILE A 169 9.16 3.72 18.93
CA ILE A 169 10.56 4.09 18.75
C ILE A 169 10.77 5.59 18.87
N THR A 170 9.70 6.38 18.81
CA THR A 170 9.84 7.83 18.90
C THR A 170 10.31 8.26 20.29
N VAL A 171 10.02 7.46 21.32
CA VAL A 171 10.35 7.81 22.70
C VAL A 171 11.55 7.01 23.20
N LEU A 172 12.20 6.22 22.35
CA LEU A 172 13.32 5.42 22.79
C LEU A 172 14.64 6.19 22.68
N PRO A 173 15.61 5.89 23.53
CA PRO A 173 16.91 6.56 23.43
C PRO A 173 17.59 6.26 22.11
N LYS A 174 18.44 7.18 21.68
CA LYS A 174 19.21 6.97 20.46
C LYS A 174 20.16 5.79 20.58
N ASP A 175 20.56 5.44 21.80
CA ASP A 175 21.39 4.25 22.01
C ASP A 175 20.64 2.98 21.65
N ILE A 176 19.36 2.91 22.01
CA ILE A 176 18.60 1.68 21.82
C ILE A 176 18.06 1.57 20.40
N LEU A 177 17.80 2.70 19.74
CA LEU A 177 17.30 2.66 18.37
C LEU A 177 18.35 2.16 17.39
N GLN A 178 19.63 2.51 17.60
CA GLN A 178 20.69 2.04 16.71
C GLN A 178 20.92 0.54 16.85
N GLU A 179 20.70 -0.01 18.04
CA GLU A 179 20.85 -1.45 18.25
C GLU A 179 19.72 -2.26 17.62
N ARG A 180 18.62 -1.60 17.23
CA ARG A 180 17.51 -2.26 16.57
C ARG A 180 17.67 -2.30 15.05
N ILE A 181 18.77 -1.78 14.52
CA ILE A 181 19.04 -1.86 13.08
C ILE A 181 19.26 -3.33 12.70
N PRO A 182 18.68 -3.81 11.59
CA PRO A 182 17.92 -3.07 10.58
C PRO A 182 16.40 -3.16 10.69
N TRP A 183 15.87 -3.36 11.90
CA TRP A 183 14.42 -3.32 12.06
C TRP A 183 13.90 -1.89 12.04
N VAL A 184 14.66 -0.96 12.60
CA VAL A 184 14.32 0.46 12.50
C VAL A 184 14.70 0.97 11.11
N PRO A 185 13.79 1.59 10.38
CA PRO A 185 14.11 2.08 9.03
C PRO A 185 15.19 3.15 9.08
N PRO A 186 15.89 3.38 7.96
CA PRO A 186 16.98 4.38 8.00
C PRO A 186 16.51 5.80 8.23
N GLU A 187 15.33 6.18 7.72
CA GLU A 187 14.84 7.54 7.93
C GLU A 187 14.47 7.80 9.38
N CYS A 188 14.14 6.76 10.15
CA CYS A 188 13.83 6.94 11.55
C CYS A 188 15.07 7.08 12.42
N ILE A 189 16.23 6.65 11.92
CA ILE A 189 17.47 6.80 12.69
C ILE A 189 17.90 8.26 12.71
N GLU A 190 17.91 8.91 11.55
CA GLU A 190 18.28 10.32 11.49
C GLU A 190 17.20 11.22 12.07
N ASN A 191 15.96 10.75 12.13
CA ASN A 191 14.84 11.55 12.67
C ASN A 191 13.82 10.57 13.24
N PRO A 192 13.82 10.37 14.56
CA PRO A 192 12.87 9.42 15.16
C PRO A 192 11.42 9.78 14.93
N LYS A 193 11.11 11.05 14.63
CA LYS A 193 9.74 11.48 14.44
C LYS A 193 9.27 11.30 13.00
N ASN A 194 9.93 10.45 12.22
CA ASN A 194 9.51 10.16 10.85
C ASN A 194 8.78 8.83 10.76
N LEU A 195 7.95 8.54 11.77
CA LEU A 195 7.15 7.32 11.74
C LEU A 195 6.05 7.45 10.69
N ASN A 196 5.90 6.42 9.87
CA ASN A 196 5.02 6.48 8.71
C ASN A 196 4.51 5.08 8.40
N LEU A 197 3.45 5.01 7.59
CA LEU A 197 2.98 3.74 7.08
C LEU A 197 4.06 3.01 6.30
N ALA A 198 4.97 3.76 5.67
CA ALA A 198 6.07 3.14 4.94
C ALA A 198 7.13 2.55 5.86
N THR A 199 7.19 3.01 7.11
CA THR A 199 8.21 2.48 8.02
C THR A 199 7.94 1.03 8.40
N ASP A 200 6.67 0.60 8.40
CA ASP A 200 6.36 -0.79 8.71
C ASP A 200 6.81 -1.72 7.59
N LYS A 201 6.72 -1.27 6.34
CA LYS A 201 7.10 -2.12 5.22
C LYS A 201 8.59 -2.48 5.28
N TRP A 202 9.43 -1.52 5.69
CA TRP A 202 10.85 -1.82 5.89
C TRP A 202 11.03 -2.91 6.93
N SER A 203 10.31 -2.81 8.05
CA SER A 203 10.37 -3.85 9.07
C SER A 203 9.77 -5.15 8.58
N PHE A 204 8.79 -5.08 7.68
CA PHE A 204 8.24 -6.30 7.08
C PHE A 204 9.28 -7.00 6.22
N GLY A 205 10.08 -6.24 5.48
CA GLY A 205 11.15 -6.85 4.71
C GLY A 205 12.23 -7.44 5.60
N THR A 206 12.60 -6.73 6.67
CA THR A 206 13.58 -7.26 7.60
C THR A 206 13.05 -8.50 8.30
N THR A 207 11.75 -8.53 8.61
CA THR A 207 11.14 -9.71 9.20
C THR A 207 11.06 -10.85 8.20
N LEU A 208 10.76 -10.53 6.93
CA LEU A 208 10.77 -11.55 5.88
C LEU A 208 12.16 -12.16 5.74
N TRP A 209 13.20 -11.38 5.99
CA TRP A 209 14.56 -11.90 5.99
C TRP A 209 14.76 -12.91 7.13
N GLU A 210 14.17 -12.64 8.29
CA GLU A 210 14.33 -13.53 9.44
C GLU A 210 13.71 -14.90 9.17
N ILE A 211 12.47 -14.91 8.67
CA ILE A 211 11.79 -16.18 8.44
C ILE A 211 12.41 -16.91 7.26
N CYS A 212 12.95 -16.17 6.27
CA CYS A 212 13.54 -16.82 5.11
C CYS A 212 14.88 -17.47 5.46
N SER A 213 15.56 -16.99 6.49
CA SER A 213 16.83 -17.53 6.93
C SER A 213 16.70 -18.52 8.08
N GLY A 214 15.49 -18.71 8.61
CA GLY A 214 15.27 -19.69 9.66
C GLY A 214 15.60 -19.24 11.06
N GLY A 215 15.26 -18.00 11.41
CA GLY A 215 15.47 -17.49 12.74
C GLY A 215 16.74 -16.70 12.96
N ASP A 216 17.60 -16.59 11.95
CA ASP A 216 18.83 -15.83 12.10
C ASP A 216 18.54 -14.34 12.26
N LYS A 217 19.40 -13.67 13.02
CA LYS A 217 19.26 -12.24 13.28
C LYS A 217 20.15 -11.46 12.33
N PRO A 218 19.60 -10.59 11.48
CA PRO A 218 20.46 -9.85 10.54
C PRO A 218 21.34 -8.85 11.26
N LEU A 219 22.60 -8.77 10.81
CA LEU A 219 23.59 -7.84 11.36
C LEU A 219 23.85 -8.08 12.84
N SER A 220 23.62 -9.32 13.30
CA SER A 220 23.85 -9.64 14.70
C SER A 220 25.33 -9.58 15.07
N ALA A 221 26.22 -9.94 14.13
CA ALA A 221 27.65 -9.88 14.40
C ALA A 221 28.16 -8.44 14.47
N LEU A 222 27.39 -7.48 13.98
CA LEU A 222 27.78 -6.08 14.01
C LEU A 222 27.35 -5.44 15.31
N ASP A 223 28.18 -4.53 15.82
CA ASP A 223 27.81 -3.76 17.01
C ASP A 223 26.95 -2.58 16.60
N SER A 224 26.53 -1.79 17.60
CA SER A 224 25.59 -0.70 17.33
C SER A 224 26.18 0.35 16.40
N GLN A 225 27.47 0.64 16.52
CA GLN A 225 28.06 1.73 15.75
C GLN A 225 28.27 1.35 14.29
N ARG A 226 28.61 0.08 14.03
CA ARG A 226 28.77 -0.36 12.64
C ARG A 226 27.42 -0.45 11.94
N LYS A 227 26.35 -0.77 12.68
CA LYS A 227 25.01 -0.75 12.09
C LYS A 227 24.64 0.64 11.60
N LEU A 228 25.12 1.69 12.28
CA LEU A 228 24.80 3.04 11.86
C LEU A 228 25.45 3.39 10.53
N GLN A 229 26.69 2.93 10.31
CA GLN A 229 27.36 3.14 9.04
C GLN A 229 26.79 2.25 7.94
N PHE A 230 26.18 1.12 8.31
CA PHE A 230 25.53 0.26 7.32
C PHE A 230 24.46 1.03 6.54
N TYR A 231 23.73 1.91 7.22
CA TYR A 231 22.71 2.69 6.55
C TYR A 231 23.29 3.84 5.74
N GLU A 232 24.27 4.55 6.30
CA GLU A 232 24.86 5.68 5.59
C GLU A 232 25.55 5.23 4.31
N ASP A 233 26.12 4.03 4.31
CA ASP A 233 26.73 3.47 3.11
C ASP A 233 25.70 2.94 2.12
N ARG A 234 24.41 2.99 2.46
CA ARG A 234 23.34 2.51 1.59
C ARG A 234 23.49 1.03 1.25
N HIS A 235 24.08 0.26 2.17
CA HIS A 235 24.22 -1.17 1.95
C HIS A 235 22.86 -1.87 1.95
N GLN A 236 22.72 -2.88 1.11
CA GLN A 236 21.54 -3.71 1.10
C GLN A 236 21.76 -4.96 1.96
N LEU A 237 20.67 -5.62 2.29
CA LEU A 237 20.76 -6.82 3.14
C LEU A 237 21.36 -7.97 2.34
N PRO A 238 22.39 -8.65 2.85
CA PRO A 238 22.90 -9.85 2.18
C PRO A 238 21.83 -10.93 2.15
N ALA A 239 21.55 -11.42 0.94
CA ALA A 239 20.47 -12.39 0.77
C ALA A 239 20.73 -13.64 1.60
N PRO A 240 19.71 -14.24 2.20
CA PRO A 240 19.93 -15.41 3.04
C PRO A 240 20.32 -16.63 2.20
N LYS A 241 20.70 -17.69 2.92
CA LYS A 241 21.16 -18.91 2.25
C LYS A 241 20.08 -19.49 1.36
N ALA A 242 18.83 -19.55 1.85
CA ALA A 242 17.74 -20.07 1.02
C ALA A 242 17.58 -19.23 -0.24
N ALA A 243 17.69 -17.90 -0.12
CA ALA A 243 17.69 -16.99 -1.26
C ALA A 243 16.44 -17.12 -2.13
N GLU A 244 15.28 -17.29 -1.49
CA GLU A 244 14.03 -17.37 -2.25
C GLU A 244 13.33 -16.01 -2.24
N LEU A 245 12.87 -15.58 -1.08
CA LEU A 245 12.13 -14.33 -0.94
C LEU A 245 13.04 -13.11 -1.02
N ALA A 246 14.34 -13.28 -1.26
CA ALA A 246 15.28 -12.16 -1.19
C ALA A 246 14.98 -11.10 -2.24
N ASN A 247 14.36 -11.49 -3.36
CA ASN A 247 14.03 -10.51 -4.39
C ASN A 247 12.97 -9.53 -3.89
N LEU A 248 11.98 -10.02 -3.15
CA LEU A 248 10.96 -9.14 -2.58
C LEU A 248 11.47 -8.38 -1.37
N ILE A 249 12.43 -8.94 -0.64
CA ILE A 249 12.97 -8.26 0.53
C ILE A 249 13.64 -6.95 0.13
N ASN A 250 14.30 -6.93 -1.04
CA ASN A 250 14.98 -5.72 -1.48
C ASN A 250 13.99 -4.62 -1.83
N ASN A 251 12.85 -4.98 -2.43
CA ASN A 251 11.86 -3.97 -2.81
C ASN A 251 11.24 -3.33 -1.57
N CYS A 252 10.86 -4.15 -0.59
CA CYS A 252 10.29 -3.62 0.65
C CYS A 252 11.32 -2.81 1.42
N MET A 253 12.59 -3.14 1.33
CA MET A 253 13.65 -2.43 2.04
C MET A 253 14.36 -1.44 1.13
N ASP A 254 13.59 -0.56 0.49
CA ASP A 254 14.15 0.46 -0.38
C ASP A 254 14.46 1.70 0.44
N TYR A 255 15.62 2.31 0.18
CA TYR A 255 16.06 3.44 0.98
C TYR A 255 15.20 4.68 0.75
N GLU A 256 14.56 4.79 -0.41
CA GLU A 256 13.57 5.84 -0.62
C GLU A 256 12.29 5.47 0.11
N PRO A 257 11.81 6.31 1.02
CA PRO A 257 10.67 5.90 1.87
C PRO A 257 9.39 5.64 1.09
N ASP A 258 9.14 6.36 0.00
CA ASP A 258 7.89 6.23 -0.73
C ASP A 258 7.93 5.16 -1.81
N HIS A 259 9.08 4.53 -2.04
CA HIS A 259 9.18 3.46 -3.02
C HIS A 259 8.69 2.12 -2.49
N ARG A 260 8.42 2.00 -1.20
CA ARG A 260 8.00 0.72 -0.65
C ARG A 260 6.60 0.37 -1.14
N PRO A 261 6.40 -0.80 -1.75
CA PRO A 261 5.08 -1.12 -2.31
C PRO A 261 4.05 -1.37 -1.23
N SER A 262 2.79 -1.28 -1.64
CA SER A 262 1.69 -1.54 -0.74
C SER A 262 1.56 -3.03 -0.46
N PHE A 263 0.93 -3.36 0.66
CA PHE A 263 0.75 -4.76 1.02
C PHE A 263 -0.28 -5.46 0.15
N ARG A 264 -1.18 -4.72 -0.49
CA ARG A 264 -2.03 -5.33 -1.51
C ARG A 264 -1.20 -5.79 -2.70
N ALA A 265 -0.11 -5.07 -2.99
CA ALA A 265 0.83 -5.54 -4.00
C ALA A 265 1.66 -6.71 -3.49
N ILE A 266 2.04 -6.68 -2.21
CA ILE A 266 2.84 -7.75 -1.64
C ILE A 266 2.04 -9.05 -1.58
N ILE A 267 0.75 -8.96 -1.23
CA ILE A 267 -0.10 -10.14 -1.20
C ILE A 267 -0.17 -10.79 -2.58
N ARG A 268 -0.14 -9.99 -3.64
CA ARG A 268 -0.14 -10.55 -4.99
C ARG A 268 1.15 -11.32 -5.27
N ASP A 269 2.30 -10.76 -4.88
CA ASP A 269 3.57 -11.42 -5.17
C ASP A 269 3.72 -12.72 -4.40
N LEU A 270 3.10 -12.84 -3.23
CA LEU A 270 3.17 -14.09 -2.47
C LEU A 270 2.27 -15.16 -3.05
N ASN A 271 1.14 -14.78 -3.64
CA ASN A 271 0.26 -15.73 -4.32
C ASN A 271 0.75 -16.09 -5.72
N SER A 272 1.68 -15.32 -6.28
CA SER A 272 2.22 -15.59 -7.61
C SER A 272 3.40 -16.55 -7.58
N LEU A 273 3.72 -17.11 -6.42
CA LEU A 273 4.83 -18.06 -6.32
C LEU A 273 4.31 -19.48 -6.10
N PHE B 2 3.73 -10.76 -17.57
CA PHE B 2 2.38 -10.57 -17.06
C PHE B 2 1.75 -11.89 -16.65
N HIS B 3 0.87 -11.83 -15.64
CA HIS B 3 0.26 -13.03 -15.08
C HIS B 3 -0.96 -13.44 -15.89
N LYS B 4 -1.23 -14.74 -15.87
CA LYS B 4 -2.38 -15.32 -16.57
C LYS B 4 -3.36 -15.85 -15.55
N ILE B 5 -4.65 -15.56 -15.75
CA ILE B 5 -5.72 -15.95 -14.84
C ILE B 5 -6.75 -16.75 -15.63
N ARG B 6 -7.19 -17.87 -15.06
CA ARG B 6 -8.14 -18.74 -15.73
C ARG B 6 -9.54 -18.12 -15.73
N ASN B 7 -10.30 -18.44 -16.78
CA ASN B 7 -11.67 -17.94 -16.88
C ASN B 7 -12.56 -18.51 -15.79
N GLU B 8 -12.31 -19.73 -15.35
CA GLU B 8 -13.10 -20.37 -14.31
C GLU B 8 -12.74 -19.86 -12.91
N ASP B 9 -11.81 -18.92 -12.79
CA ASP B 9 -11.44 -18.34 -11.52
C ASP B 9 -11.91 -16.90 -11.36
N LEU B 10 -12.73 -16.41 -12.30
CA LEU B 10 -13.23 -15.05 -12.28
C LEU B 10 -14.75 -15.06 -12.30
N ILE B 11 -15.36 -14.45 -11.29
CA ILE B 11 -16.80 -14.29 -11.21
C ILE B 11 -17.13 -12.84 -11.51
N PHE B 12 -18.21 -12.62 -12.25
CA PHE B 12 -18.66 -11.28 -12.62
C PHE B 12 -19.86 -10.88 -11.76
N ASN B 13 -19.78 -9.69 -11.15
CA ASN B 13 -20.84 -9.23 -10.27
C ASN B 13 -21.61 -8.14 -10.98
N GLU B 14 -21.19 -6.88 -10.90
CA GLU B 14 -21.94 -5.75 -11.43
C GLU B 14 -21.11 -4.99 -12.46
N SER B 15 -21.80 -4.41 -13.44
CA SER B 15 -21.15 -3.53 -14.39
C SER B 15 -20.88 -2.16 -13.76
N LEU B 16 -19.95 -1.43 -14.38
CA LEU B 16 -19.55 -0.12 -13.87
C LEU B 16 -19.48 0.93 -14.97
N GLY B 17 -19.98 0.62 -16.16
CA GLY B 17 -20.09 1.60 -17.23
C GLY B 17 -19.08 1.36 -18.33
N GLN B 18 -19.15 2.25 -19.31
CA GLN B 18 -18.31 2.15 -20.51
C GLN B 18 -16.91 2.66 -20.19
N GLY B 19 -16.07 2.73 -21.22
CA GLY B 19 -14.71 3.21 -21.05
C GLY B 19 -14.05 3.41 -22.39
N THR B 20 -12.72 3.58 -22.34
CA THR B 20 -11.94 3.74 -23.57
C THR B 20 -11.93 2.44 -24.34
N PHE B 21 -12.95 2.22 -25.17
CA PHE B 21 -13.14 1.00 -25.94
C PHE B 21 -13.21 -0.25 -25.06
N THR B 22 -13.56 -0.09 -23.79
CA THR B 22 -13.67 -1.20 -22.86
C THR B 22 -15.02 -1.16 -22.15
N LYS B 23 -15.29 -2.20 -21.37
CA LYS B 23 -16.45 -2.24 -20.50
C LYS B 23 -16.00 -2.75 -19.13
N ILE B 24 -16.49 -2.09 -18.09
CA ILE B 24 -15.97 -2.23 -16.74
C ILE B 24 -16.93 -3.07 -15.90
N PHE B 25 -16.37 -3.98 -15.09
CA PHE B 25 -17.15 -4.85 -14.23
C PHE B 25 -16.43 -5.03 -12.90
N LYS B 26 -17.20 -5.12 -11.82
CA LYS B 26 -16.66 -5.54 -10.53
C LYS B 26 -16.79 -7.04 -10.42
N GLY B 27 -15.75 -7.69 -9.88
CA GLY B 27 -15.75 -9.13 -9.81
C GLY B 27 -14.83 -9.64 -8.72
N VAL B 28 -14.81 -10.97 -8.59
CA VAL B 28 -14.00 -11.66 -7.60
C VAL B 28 -13.06 -12.62 -8.30
N ARG B 29 -11.81 -12.68 -7.84
CA ARG B 29 -10.84 -13.64 -8.31
C ARG B 29 -10.65 -14.71 -7.23
N ARG B 30 -10.87 -15.97 -7.59
CA ARG B 30 -10.78 -17.08 -6.65
C ARG B 30 -9.47 -17.82 -6.87
N GLU B 31 -8.62 -17.83 -5.86
CA GLU B 31 -7.30 -18.43 -5.93
C GLU B 31 -7.17 -19.52 -4.88
N VAL B 32 -6.34 -20.53 -5.18
CA VAL B 32 -6.10 -21.64 -4.28
C VAL B 32 -4.75 -21.45 -3.61
N GLY B 33 -4.72 -21.66 -2.29
CA GLY B 33 -3.56 -21.36 -1.49
C GLY B 33 -2.67 -22.56 -1.22
N ASP B 34 -1.73 -22.37 -0.29
CA ASP B 34 -0.75 -23.41 0.00
C ASP B 34 -1.39 -24.68 0.54
N TYR B 35 -2.53 -24.55 1.23
CA TYR B 35 -3.19 -25.68 1.88
C TYR B 35 -4.65 -25.77 1.46
N GLY B 36 -4.92 -25.41 0.20
CA GLY B 36 -6.27 -25.52 -0.33
C GLY B 36 -7.27 -24.64 0.38
N GLN B 37 -6.92 -23.38 0.59
CA GLN B 37 -7.80 -22.40 1.23
C GLN B 37 -8.24 -21.40 0.16
N LEU B 38 -9.54 -21.38 -0.13
CA LEU B 38 -10.05 -20.44 -1.12
C LEU B 38 -9.73 -19.01 -0.72
N HIS B 39 -9.21 -18.24 -1.67
CA HIS B 39 -8.77 -16.86 -1.43
C HIS B 39 -9.52 -15.95 -2.40
N GLU B 40 -10.77 -15.62 -2.03
CA GLU B 40 -11.53 -14.66 -2.81
C GLU B 40 -10.94 -13.26 -2.67
N THR B 41 -11.08 -12.47 -3.73
CA THR B 41 -10.50 -11.12 -3.75
C THR B 41 -11.31 -10.27 -4.71
N GLU B 42 -11.87 -9.18 -4.20
CA GLU B 42 -12.58 -8.24 -5.08
C GLU B 42 -11.60 -7.60 -6.05
N VAL B 43 -11.91 -7.71 -7.34
CA VAL B 43 -11.07 -7.18 -8.41
C VAL B 43 -11.94 -6.44 -9.40
N LEU B 44 -11.30 -5.73 -10.32
CA LEU B 44 -11.99 -5.10 -11.44
C LEU B 44 -11.60 -5.80 -12.73
N LEU B 45 -12.59 -6.03 -13.59
CA LEU B 45 -12.41 -6.73 -14.85
C LEU B 45 -12.66 -5.74 -15.98
N LYS B 46 -11.61 -5.43 -16.73
CA LYS B 46 -11.69 -4.50 -17.86
C LYS B 46 -11.74 -5.32 -19.15
N VAL B 47 -12.93 -5.40 -19.74
CA VAL B 47 -13.17 -6.25 -20.91
C VAL B 47 -13.05 -5.39 -22.17
N LEU B 48 -12.17 -5.80 -23.08
CA LEU B 48 -12.07 -5.13 -24.36
C LEU B 48 -13.37 -5.28 -25.15
N ASP B 49 -13.75 -4.22 -25.86
CA ASP B 49 -15.01 -4.24 -26.60
C ASP B 49 -14.99 -5.31 -27.66
N LYS B 50 -16.09 -6.07 -27.73
CA LYS B 50 -16.24 -7.10 -28.75
C LYS B 50 -16.09 -6.53 -30.15
N ALA B 51 -16.64 -5.33 -30.37
CA ALA B 51 -16.54 -4.71 -31.69
C ALA B 51 -15.11 -4.24 -31.99
N HIS B 52 -14.32 -3.95 -30.96
CA HIS B 52 -12.97 -3.43 -31.17
C HIS B 52 -11.92 -4.39 -30.66
N ARG B 53 -12.01 -5.67 -31.04
CA ARG B 53 -10.96 -6.62 -30.72
C ARG B 53 -9.70 -6.40 -31.55
N ASN B 54 -9.77 -5.54 -32.57
CA ASN B 54 -8.59 -5.23 -33.38
C ASN B 54 -7.52 -4.52 -32.56
N TYR B 55 -7.89 -3.83 -31.48
CA TYR B 55 -6.96 -3.09 -30.65
C TYR B 55 -6.35 -3.94 -29.54
N SER B 56 -6.33 -5.26 -29.69
CA SER B 56 -5.84 -6.13 -28.63
C SER B 56 -4.34 -5.98 -28.40
N GLU B 57 -3.58 -5.54 -29.41
CA GLU B 57 -2.13 -5.43 -29.26
C GLU B 57 -1.76 -4.33 -28.27
N SER B 58 -2.28 -3.11 -28.49
CA SER B 58 -2.03 -2.03 -27.54
C SER B 58 -2.79 -2.26 -26.24
N PHE B 59 -3.93 -2.95 -26.30
CA PHE B 59 -4.68 -3.28 -25.09
C PHE B 59 -3.82 -4.10 -24.13
N PHE B 60 -3.01 -5.00 -24.66
CA PHE B 60 -2.11 -5.81 -23.85
C PHE B 60 -0.76 -5.15 -23.62
N GLU B 61 -0.33 -4.24 -24.50
CA GLU B 61 0.86 -3.45 -24.22
C GLU B 61 0.66 -2.56 -23.00
N ALA B 62 -0.58 -2.16 -22.74
CA ALA B 62 -0.88 -1.40 -21.53
C ALA B 62 -0.73 -2.27 -20.28
N ALA B 63 -1.23 -3.51 -20.35
CA ALA B 63 -1.13 -4.39 -19.19
C ALA B 63 0.31 -4.82 -18.94
N SER B 64 1.09 -5.05 -19.99
CA SER B 64 2.48 -5.45 -19.82
C SER B 64 3.29 -4.33 -19.17
N MET B 65 2.93 -3.07 -19.42
CA MET B 65 3.64 -1.96 -18.80
C MET B 65 3.33 -1.88 -17.30
N MET B 66 2.04 -1.92 -16.94
CA MET B 66 1.65 -1.82 -15.54
C MET B 66 2.04 -3.05 -14.75
N SER B 67 2.14 -4.21 -15.39
CA SER B 67 2.59 -5.41 -14.69
C SER B 67 4.04 -5.31 -14.23
N LYS B 68 4.82 -4.43 -14.86
CA LYS B 68 6.21 -4.20 -14.48
C LYS B 68 6.36 -3.10 -13.43
N LEU B 69 5.29 -2.39 -13.11
CA LEU B 69 5.35 -1.21 -12.26
C LEU B 69 4.89 -1.54 -10.84
N SER B 70 5.52 -0.90 -9.86
CA SER B 70 5.15 -0.99 -8.46
C SER B 70 5.36 0.40 -7.84
N HIS B 71 4.30 1.19 -7.82
CA HIS B 71 4.34 2.53 -7.26
C HIS B 71 3.10 2.76 -6.42
N LYS B 72 3.25 3.61 -5.39
CA LYS B 72 2.17 3.84 -4.45
C LYS B 72 0.95 4.47 -5.11
N HIS B 73 1.16 5.31 -6.13
CA HIS B 73 0.07 6.02 -6.80
C HIS B 73 -0.21 5.48 -8.19
N LEU B 74 0.01 4.18 -8.41
CA LEU B 74 -0.31 3.52 -9.66
C LEU B 74 -1.26 2.35 -9.39
N VAL B 75 -2.30 2.24 -10.22
CA VAL B 75 -3.28 1.18 -10.06
C VAL B 75 -2.61 -0.16 -10.31
N LEU B 76 -2.79 -1.09 -9.37
CA LEU B 76 -2.15 -2.39 -9.47
C LEU B 76 -2.81 -3.23 -10.56
N ASN B 77 -2.01 -4.02 -11.25
CA ASN B 77 -2.49 -4.93 -12.29
C ASN B 77 -2.23 -6.36 -11.83
N TYR B 78 -3.30 -7.15 -11.71
CA TYR B 78 -3.18 -8.52 -11.23
C TYR B 78 -2.80 -9.49 -12.35
N GLY B 79 -3.28 -9.27 -13.57
CA GLY B 79 -2.92 -10.16 -14.66
C GLY B 79 -3.79 -9.98 -15.88
N VAL B 80 -3.93 -11.07 -16.63
CA VAL B 80 -4.68 -11.07 -17.89
C VAL B 80 -5.46 -12.37 -17.99
N CYS B 81 -6.72 -12.28 -18.41
CA CYS B 81 -7.54 -13.46 -18.68
C CYS B 81 -7.89 -13.51 -20.15
N PHE B 82 -7.73 -14.69 -20.75
CA PHE B 82 -8.33 -14.99 -22.05
C PHE B 82 -9.69 -15.63 -21.85
N CYS B 83 -10.50 -14.97 -21.03
CA CYS B 83 -11.81 -15.43 -20.61
C CYS B 83 -12.73 -15.66 -21.81
N GLY B 84 -12.77 -16.88 -22.31
CA GLY B 84 -13.64 -17.18 -23.43
C GLY B 84 -13.22 -16.44 -24.68
N ASP B 85 -14.17 -15.78 -25.32
CA ASP B 85 -13.89 -15.05 -26.56
C ASP B 85 -13.21 -13.71 -26.29
N GLU B 86 -13.43 -13.13 -25.12
CA GLU B 86 -13.02 -11.76 -24.84
C GLU B 86 -11.68 -11.72 -24.13
N ASN B 87 -10.97 -10.61 -24.30
CA ASN B 87 -9.72 -10.33 -23.61
C ASN B 87 -9.99 -9.39 -22.45
N ILE B 88 -9.55 -9.78 -21.25
CA ILE B 88 -9.91 -9.07 -20.03
C ILE B 88 -8.64 -8.75 -19.24
N LEU B 89 -8.59 -7.56 -18.66
CA LEU B 89 -7.55 -7.18 -17.71
C LEU B 89 -8.12 -7.23 -16.30
N VAL B 90 -7.31 -7.70 -15.36
CA VAL B 90 -7.70 -7.80 -13.95
C VAL B 90 -6.81 -6.85 -13.16
N GLN B 91 -7.44 -5.89 -12.48
CA GLN B 91 -6.71 -4.83 -11.80
C GLN B 91 -7.22 -4.67 -10.37
N GLU B 92 -6.50 -3.84 -9.62
CA GLU B 92 -6.90 -3.49 -8.27
C GLU B 92 -8.17 -2.63 -8.31
N PHE B 93 -9.15 -3.00 -7.50
CA PHE B 93 -10.42 -2.28 -7.46
C PHE B 93 -10.34 -1.11 -6.48
N VAL B 94 -10.69 0.08 -6.96
CA VAL B 94 -10.80 1.27 -6.13
C VAL B 94 -12.28 1.57 -5.95
N LYS B 95 -12.65 1.98 -4.72
CA LYS B 95 -14.06 2.03 -4.36
C LYS B 95 -14.79 3.23 -4.97
N PHE B 96 -14.14 4.38 -5.05
CA PHE B 96 -14.83 5.61 -5.39
C PHE B 96 -14.69 6.02 -6.86
N GLY B 97 -13.99 5.23 -7.67
CA GLY B 97 -14.07 5.40 -9.11
C GLY B 97 -13.28 6.58 -9.64
N SER B 98 -13.74 7.09 -10.79
CA SER B 98 -13.00 8.10 -11.53
C SER B 98 -13.03 9.44 -10.81
N LEU B 99 -11.97 10.22 -11.00
CA LEU B 99 -11.87 11.53 -10.34
C LEU B 99 -12.78 12.56 -11.00
N ASP B 100 -13.01 12.44 -12.31
CA ASP B 100 -13.76 13.47 -13.02
C ASP B 100 -15.21 13.52 -12.56
N THR B 101 -15.81 12.36 -12.27
CA THR B 101 -17.17 12.35 -11.72
C THR B 101 -17.19 12.75 -10.25
N TYR B 102 -16.05 12.67 -9.56
CA TYR B 102 -15.98 13.14 -8.18
C TYR B 102 -15.84 14.65 -8.12
N LEU B 103 -15.13 15.24 -9.08
CA LEU B 103 -15.00 16.70 -9.12
C LEU B 103 -16.32 17.36 -9.47
N LYS B 104 -17.10 16.76 -10.37
CA LYS B 104 -18.39 17.33 -10.73
C LYS B 104 -19.41 17.13 -9.62
N LYS B 105 -19.30 16.02 -8.89
CA LYS B 105 -20.25 15.74 -7.80
C LYS B 105 -20.09 16.73 -6.66
N ASN B 106 -18.85 17.11 -6.33
CA ASN B 106 -18.60 18.04 -5.25
C ASN B 106 -17.91 19.28 -5.76
N LYS B 107 -18.47 19.89 -6.82
CA LYS B 107 -17.77 20.96 -7.52
C LYS B 107 -17.49 22.16 -6.62
N ASN B 108 -18.48 22.58 -5.83
CA ASN B 108 -18.33 23.74 -4.97
C ASN B 108 -17.75 23.40 -3.60
N CYS B 109 -17.44 22.14 -3.34
CA CYS B 109 -16.87 21.72 -2.06
C CYS B 109 -15.39 21.39 -2.16
N ILE B 110 -14.75 21.70 -3.29
CA ILE B 110 -13.36 21.32 -3.53
C ILE B 110 -12.46 22.45 -3.04
N ASN B 111 -11.73 22.21 -1.97
CA ASN B 111 -10.78 23.18 -1.45
C ASN B 111 -9.58 23.28 -2.37
N ILE B 112 -8.79 24.33 -2.18
CA ILE B 112 -7.59 24.49 -3.01
C ILE B 112 -6.44 23.66 -2.46
N LEU B 113 -6.43 23.37 -1.16
CA LEU B 113 -5.44 22.44 -0.63
C LEU B 113 -5.75 21.00 -1.04
N TRP B 114 -7.03 20.70 -1.30
CA TRP B 114 -7.39 19.39 -1.81
C TRP B 114 -6.83 19.18 -3.20
N LYS B 115 -6.99 20.17 -4.09
CA LYS B 115 -6.42 20.09 -5.43
C LYS B 115 -4.90 20.08 -5.39
N LEU B 116 -4.30 20.75 -4.40
CA LEU B 116 -2.84 20.81 -4.33
C LEU B 116 -2.26 19.45 -3.96
N GLU B 117 -2.94 18.71 -3.06
CA GLU B 117 -2.44 17.40 -2.67
C GLU B 117 -2.65 16.37 -3.78
N VAL B 118 -3.77 16.47 -4.50
CA VAL B 118 -4.02 15.57 -5.62
C VAL B 118 -2.96 15.78 -6.69
N ALA B 119 -2.58 17.03 -6.95
CA ALA B 119 -1.55 17.30 -7.94
C ALA B 119 -0.19 16.79 -7.51
N LYS B 120 0.08 16.75 -6.20
CA LYS B 120 1.35 16.18 -5.73
C LYS B 120 1.39 14.68 -5.93
N GLN B 121 0.28 13.99 -5.66
CA GLN B 121 0.26 12.54 -5.83
C GLN B 121 0.33 12.15 -7.30
N LEU B 122 -0.37 12.90 -8.16
CA LEU B 122 -0.32 12.60 -9.59
C LEU B 122 1.06 12.87 -10.17
N ALA B 123 1.69 13.97 -9.77
CA ALA B 123 3.03 14.28 -10.25
C ALA B 123 4.06 13.28 -9.73
N ALA B 124 3.81 12.69 -8.57
CA ALA B 124 4.73 11.68 -8.04
C ALA B 124 4.76 10.45 -8.95
N ALA B 125 3.58 9.98 -9.36
CA ALA B 125 3.54 8.83 -10.26
C ALA B 125 4.11 9.17 -11.63
N MET B 126 3.83 10.37 -12.14
CA MET B 126 4.36 10.77 -13.44
C MET B 126 5.86 10.91 -13.42
N HIS B 127 6.44 11.29 -12.28
CA HIS B 127 7.90 11.33 -12.18
C HIS B 127 8.48 9.92 -12.15
N PHE B 128 7.76 8.98 -11.53
CA PHE B 128 8.22 7.59 -11.52
C PHE B 128 8.28 7.02 -12.94
N LEU B 129 7.27 7.32 -13.75
CA LEU B 129 7.28 6.87 -15.14
C LEU B 129 8.38 7.57 -15.93
N GLU B 130 8.57 8.86 -15.71
CA GLU B 130 9.62 9.60 -16.40
C GLU B 130 10.99 9.09 -16.00
N GLU B 131 11.17 8.75 -14.72
CA GLU B 131 12.46 8.25 -14.26
C GLU B 131 12.82 6.93 -14.92
N ASN B 132 11.82 6.10 -15.22
CA ASN B 132 12.03 4.80 -15.85
C ASN B 132 11.79 4.83 -17.36
N THR B 133 11.80 6.02 -17.97
CA THR B 133 11.63 6.18 -19.41
C THR B 133 10.38 5.46 -19.91
N LEU B 134 9.25 5.79 -19.29
CA LEU B 134 7.97 5.17 -19.61
C LEU B 134 6.95 6.24 -19.98
N ILE B 135 6.17 5.95 -21.01
CA ILE B 135 5.17 6.87 -21.54
C ILE B 135 3.79 6.31 -21.21
N HIS B 136 2.93 7.17 -20.64
CA HIS B 136 1.56 6.76 -20.32
C HIS B 136 0.67 6.93 -21.54
N GLY B 137 0.40 8.17 -21.94
CA GLY B 137 -0.32 8.48 -23.15
C GLY B 137 -1.81 8.73 -22.99
N ASN B 138 -2.35 8.55 -21.77
CA ASN B 138 -3.77 8.78 -21.51
C ASN B 138 -3.95 9.32 -20.09
N VAL B 139 -3.25 10.41 -19.78
CA VAL B 139 -3.34 11.06 -18.48
C VAL B 139 -4.50 12.05 -18.55
N CYS B 140 -5.65 11.64 -18.02
CA CYS B 140 -6.82 12.50 -17.93
C CYS B 140 -7.53 12.23 -16.62
N ALA B 141 -8.50 13.10 -16.30
CA ALA B 141 -9.27 12.93 -15.07
C ALA B 141 -10.14 11.67 -15.10
N LYS B 142 -10.50 11.19 -16.28
CA LYS B 142 -11.26 9.95 -16.38
C LYS B 142 -10.43 8.75 -15.94
N ASN B 143 -9.11 8.80 -16.15
CA ASN B 143 -8.22 7.70 -15.78
C ASN B 143 -7.69 7.79 -14.37
N ILE B 144 -7.86 8.94 -13.70
CA ILE B 144 -7.44 9.08 -12.31
C ILE B 144 -8.53 8.52 -11.41
N LEU B 145 -8.12 7.77 -10.39
CA LEU B 145 -9.05 7.04 -9.53
C LEU B 145 -8.79 7.38 -8.07
N LEU B 146 -9.87 7.62 -7.33
CA LEU B 146 -9.81 8.01 -5.92
C LEU B 146 -10.00 6.76 -5.06
N ILE B 147 -8.96 6.35 -4.37
CA ILE B 147 -9.08 5.20 -3.46
C ILE B 147 -9.50 5.63 -2.05
N ARG B 148 -9.29 6.89 -1.70
CA ARG B 148 -9.65 7.38 -0.38
C ARG B 148 -9.96 8.87 -0.47
N GLU B 149 -11.15 9.26 -0.01
CA GLU B 149 -11.52 10.66 -0.01
C GLU B 149 -10.96 11.36 1.22
N GLU B 150 -10.90 12.69 1.15
CA GLU B 150 -10.29 13.48 2.20
C GLU B 150 -10.99 13.25 3.54
N ASP B 151 -10.19 13.13 4.61
CA ASP B 151 -10.70 12.93 5.96
C ASP B 151 -9.91 13.84 6.89
N ARG B 152 -10.37 15.08 7.04
CA ARG B 152 -9.68 16.06 7.89
C ARG B 152 -9.71 15.68 9.36
N LYS B 153 -10.64 14.80 9.77
CA LYS B 153 -10.70 14.38 11.16
C LYS B 153 -9.48 13.53 11.53
N THR B 154 -9.07 12.63 10.64
CA THR B 154 -7.89 11.81 10.87
C THR B 154 -6.60 12.53 10.50
N GLY B 155 -6.67 13.56 9.66
CA GLY B 155 -5.50 14.24 9.18
C GLY B 155 -4.88 13.64 7.94
N ASN B 156 -5.40 12.49 7.47
CA ASN B 156 -4.88 11.87 6.26
C ASN B 156 -5.48 12.53 5.03
N PRO B 157 -4.66 12.80 4.02
CA PRO B 157 -5.15 13.47 2.81
C PRO B 157 -5.91 12.50 1.93
N PRO B 158 -6.52 12.97 0.84
CA PRO B 158 -7.07 12.05 -0.15
C PRO B 158 -5.98 11.27 -0.84
N PHE B 159 -6.38 10.16 -1.45
CA PHE B 159 -5.44 9.21 -2.04
C PHE B 159 -5.95 8.85 -3.43
N ILE B 160 -5.11 9.05 -4.44
CA ILE B 160 -5.47 8.78 -5.83
C ILE B 160 -4.44 7.82 -6.43
N LYS B 161 -4.88 7.13 -7.47
CA LYS B 161 -4.02 6.23 -8.24
C LYS B 161 -4.32 6.39 -9.71
N LEU B 162 -3.28 6.31 -10.54
CA LEU B 162 -3.43 6.42 -11.99
C LEU B 162 -3.64 5.04 -12.59
N SER B 163 -4.62 4.93 -13.49
CA SER B 163 -5.00 3.64 -14.06
C SER B 163 -4.08 3.30 -15.23
N ASP B 164 -4.40 2.21 -15.93
CA ASP B 164 -3.58 1.76 -17.06
C ASP B 164 -3.69 2.74 -18.23
N PRO B 165 -2.70 2.74 -19.12
CA PRO B 165 -2.76 3.65 -20.27
C PRO B 165 -3.90 3.36 -21.23
N GLY B 166 -4.45 2.16 -21.22
CA GLY B 166 -5.50 1.82 -22.16
C GLY B 166 -4.94 1.67 -23.57
N ILE B 167 -5.76 2.08 -24.55
CA ILE B 167 -5.37 1.98 -25.94
C ILE B 167 -4.57 3.21 -26.32
N SER B 168 -3.39 2.99 -26.90
CA SER B 168 -2.51 4.10 -27.26
C SER B 168 -3.14 4.93 -28.37
N ILE B 169 -2.92 6.25 -28.30
CA ILE B 169 -3.42 7.16 -29.33
C ILE B 169 -2.72 6.97 -30.66
N THR B 170 -1.61 6.23 -30.68
CA THR B 170 -0.88 6.01 -31.94
C THR B 170 -1.69 5.15 -32.90
N VAL B 171 -2.59 4.32 -32.40
CA VAL B 171 -3.36 3.40 -33.23
C VAL B 171 -4.80 3.87 -33.40
N LEU B 172 -5.13 5.09 -32.96
CA LEU B 172 -6.50 5.56 -33.05
C LEU B 172 -6.74 6.34 -34.34
N PRO B 173 -7.96 6.33 -34.85
CA PRO B 173 -8.27 7.10 -36.06
C PRO B 173 -8.08 8.59 -35.84
N LYS B 174 -7.88 9.30 -36.96
CA LYS B 174 -7.73 10.75 -36.89
C LYS B 174 -8.98 11.43 -36.34
N ASP B 175 -10.14 10.81 -36.55
CA ASP B 175 -11.39 11.37 -36.02
C ASP B 175 -11.40 11.36 -34.49
N ILE B 176 -10.92 10.27 -33.89
CA ILE B 176 -11.01 10.13 -32.44
C ILE B 176 -9.98 11.01 -31.75
N LEU B 177 -8.82 11.23 -32.37
CA LEU B 177 -7.78 12.04 -31.75
C LEU B 177 -8.15 13.52 -31.69
N GLN B 178 -8.86 14.03 -32.70
CA GLN B 178 -9.29 15.42 -32.68
C GLN B 178 -10.35 15.66 -31.62
N GLU B 179 -11.17 14.65 -31.32
CA GLU B 179 -12.18 14.78 -30.28
C GLU B 179 -11.57 14.77 -28.88
N ARG B 180 -10.33 14.32 -28.75
CA ARG B 180 -9.63 14.30 -27.47
C ARG B 180 -8.85 15.58 -27.21
N ILE B 181 -8.93 16.56 -28.10
CA ILE B 181 -8.30 17.87 -27.87
C ILE B 181 -9.01 18.57 -26.72
N PRO B 182 -8.30 19.19 -25.77
CA PRO B 182 -6.85 19.38 -25.73
C PRO B 182 -6.06 18.41 -24.86
N TRP B 183 -6.57 17.18 -24.67
CA TRP B 183 -5.78 16.17 -23.98
C TRP B 183 -4.66 15.65 -24.87
N VAL B 184 -4.93 15.53 -26.17
CA VAL B 184 -3.89 15.16 -27.13
C VAL B 184 -3.01 16.38 -27.41
N PRO B 185 -1.70 16.28 -27.25
CA PRO B 185 -0.83 17.43 -27.50
C PRO B 185 -0.87 17.83 -28.96
N PRO B 186 -0.50 19.07 -29.28
CA PRO B 186 -0.57 19.50 -30.69
C PRO B 186 0.37 18.74 -31.61
N GLU B 187 1.56 18.36 -31.13
CA GLU B 187 2.48 17.61 -31.99
C GLU B 187 1.97 16.21 -32.26
N CYS B 188 1.14 15.65 -31.38
CA CYS B 188 0.52 14.36 -31.65
C CYS B 188 -0.58 14.47 -32.70
N ILE B 189 -1.16 15.65 -32.88
CA ILE B 189 -2.12 15.86 -33.96
C ILE B 189 -1.39 15.85 -35.31
N GLU B 190 -0.24 16.52 -35.38
CA GLU B 190 0.54 16.53 -36.62
C GLU B 190 1.17 15.17 -36.90
N ASN B 191 1.35 14.34 -35.88
CA ASN B 191 1.99 13.03 -36.03
C ASN B 191 1.50 12.15 -34.89
N PRO B 192 0.55 11.24 -35.17
CA PRO B 192 0.04 10.38 -34.09
C PRO B 192 1.11 9.53 -33.44
N LYS B 193 2.16 9.17 -34.17
CA LYS B 193 3.27 8.39 -33.61
C LYS B 193 4.41 9.26 -33.10
N ASN B 194 4.14 10.54 -32.82
CA ASN B 194 5.09 11.41 -32.15
C ASN B 194 4.96 11.35 -30.64
N LEU B 195 4.61 10.20 -30.09
CA LEU B 195 4.49 10.06 -28.65
C LEU B 195 5.86 10.15 -28.00
N ASN B 196 5.93 10.91 -26.90
CA ASN B 196 7.21 11.25 -26.28
C ASN B 196 6.98 11.44 -24.79
N LEU B 197 8.08 11.49 -24.04
CA LEU B 197 7.97 11.79 -22.61
C LEU B 197 7.40 13.19 -22.37
N ALA B 198 7.60 14.11 -23.31
CA ALA B 198 7.05 15.44 -23.18
C ALA B 198 5.55 15.49 -23.49
N THR B 199 5.01 14.46 -24.13
CA THR B 199 3.60 14.46 -24.49
C THR B 199 2.71 14.30 -23.27
N ASP B 200 3.16 13.56 -22.26
CA ASP B 200 2.36 13.39 -21.05
C ASP B 200 2.26 14.68 -20.25
N LYS B 201 3.34 15.48 -20.25
CA LYS B 201 3.32 16.75 -19.52
C LYS B 201 2.21 17.67 -20.04
N TRP B 202 2.00 17.69 -21.35
CA TRP B 202 0.89 18.46 -21.91
C TRP B 202 -0.44 17.96 -21.37
N SER B 203 -0.62 16.64 -21.31
CA SER B 203 -1.86 16.08 -20.77
C SER B 203 -1.95 16.31 -19.27
N PHE B 204 -0.81 16.38 -18.58
CA PHE B 204 -0.83 16.69 -17.16
C PHE B 204 -1.37 18.10 -16.91
N GLY B 205 -0.98 19.05 -17.76
CA GLY B 205 -1.51 20.40 -17.63
C GLY B 205 -2.99 20.48 -17.95
N THR B 206 -3.42 19.79 -19.01
CA THR B 206 -4.85 19.72 -19.31
C THR B 206 -5.62 19.05 -18.18
N THR B 207 -4.98 18.10 -17.48
CA THR B 207 -5.64 17.46 -16.35
C THR B 207 -5.71 18.39 -15.14
N LEU B 208 -4.65 19.17 -14.91
CA LEU B 208 -4.70 20.17 -13.85
C LEU B 208 -5.83 21.17 -14.09
N TRP B 209 -6.12 21.47 -15.35
CA TRP B 209 -7.25 22.35 -15.65
C TRP B 209 -8.56 21.71 -15.25
N GLU B 210 -8.68 20.39 -15.40
CA GLU B 210 -9.92 19.70 -15.05
C GLU B 210 -10.20 19.78 -13.55
N ILE B 211 -9.20 19.43 -12.74
CA ILE B 211 -9.40 19.45 -11.29
C ILE B 211 -9.53 20.88 -10.78
N CYS B 212 -8.86 21.83 -11.43
CA CYS B 212 -8.92 23.23 -10.99
C CYS B 212 -10.30 23.83 -11.26
N SER B 213 -10.99 23.37 -12.30
CA SER B 213 -12.31 23.88 -12.64
C SER B 213 -13.43 23.04 -12.04
N GLY B 214 -13.10 21.92 -11.40
CA GLY B 214 -14.13 21.12 -10.73
C GLY B 214 -14.88 20.16 -11.62
N GLY B 215 -14.19 19.49 -12.54
CA GLY B 215 -14.78 18.45 -13.35
C GLY B 215 -15.23 18.89 -14.74
N ASP B 216 -15.14 20.19 -15.05
CA ASP B 216 -15.55 20.67 -16.37
C ASP B 216 -14.59 20.17 -17.44
N LYS B 217 -15.13 19.96 -18.63
CA LYS B 217 -14.35 19.47 -19.77
C LYS B 217 -13.89 20.65 -20.61
N PRO B 218 -12.58 20.84 -20.79
CA PRO B 218 -12.12 21.99 -21.58
C PRO B 218 -12.46 21.83 -23.06
N LEU B 219 -12.87 22.94 -23.67
CA LEU B 219 -13.24 23.00 -25.09
C LEU B 219 -14.36 22.00 -25.43
N SER B 220 -15.22 21.70 -24.46
CA SER B 220 -16.30 20.75 -24.71
C SER B 220 -17.35 21.34 -25.66
N ALA B 221 -17.56 22.65 -25.61
CA ALA B 221 -18.54 23.29 -26.48
C ALA B 221 -18.09 23.33 -27.93
N LEU B 222 -16.81 23.10 -28.19
CA LEU B 222 -16.27 23.15 -29.55
C LEU B 222 -16.37 21.79 -30.20
N ASP B 223 -16.66 21.78 -31.51
CA ASP B 223 -16.69 20.56 -32.28
C ASP B 223 -15.27 20.14 -32.66
N SER B 224 -15.16 18.99 -33.32
CA SER B 224 -13.85 18.43 -33.64
C SER B 224 -13.03 19.36 -34.51
N GLN B 225 -13.68 19.96 -35.52
CA GLN B 225 -12.96 20.82 -36.45
C GLN B 225 -12.59 22.17 -35.84
N ARG B 226 -13.42 22.70 -34.93
CA ARG B 226 -13.05 23.93 -34.26
C ARG B 226 -11.93 23.71 -33.25
N LYS B 227 -11.83 22.50 -32.69
CA LYS B 227 -10.70 22.18 -31.84
C LYS B 227 -9.39 22.23 -32.62
N LEU B 228 -9.43 21.86 -33.90
CA LEU B 228 -8.22 21.90 -34.72
C LEU B 228 -7.75 23.32 -34.97
N GLN B 229 -8.69 24.27 -35.08
CA GLN B 229 -8.30 25.68 -35.23
C GLN B 229 -7.72 26.24 -33.93
N PHE B 230 -8.12 25.68 -32.78
CA PHE B 230 -7.58 26.14 -31.50
C PHE B 230 -6.07 25.95 -31.44
N TYR B 231 -5.57 24.85 -32.01
CA TYR B 231 -4.15 24.55 -31.96
C TYR B 231 -3.35 25.37 -32.99
N GLU B 232 -3.84 25.43 -34.23
CA GLU B 232 -3.12 26.16 -35.27
C GLU B 232 -2.99 27.64 -34.91
N ASP B 233 -4.02 28.20 -34.26
CA ASP B 233 -3.96 29.58 -33.82
C ASP B 233 -3.08 29.78 -32.59
N ARG B 234 -2.48 28.71 -32.06
CA ARG B 234 -1.64 28.77 -30.87
C ARG B 234 -2.38 29.30 -29.66
N HIS B 235 -3.70 29.10 -29.61
CA HIS B 235 -4.50 29.58 -28.49
C HIS B 235 -4.12 28.84 -27.21
N GLN B 236 -4.06 29.58 -26.11
CA GLN B 236 -3.88 28.97 -24.81
C GLN B 236 -5.23 28.69 -24.17
N LEU B 237 -5.24 27.77 -23.22
CA LEU B 237 -6.49 27.41 -22.58
C LEU B 237 -6.97 28.53 -21.68
N PRO B 238 -8.25 28.90 -21.71
CA PRO B 238 -8.74 29.95 -20.82
C PRO B 238 -8.59 29.54 -19.37
N ALA B 239 -7.81 30.31 -18.62
CA ALA B 239 -7.50 29.95 -17.25
C ALA B 239 -8.78 29.78 -16.43
N PRO B 240 -8.87 28.74 -15.61
CA PRO B 240 -10.08 28.53 -14.81
C PRO B 240 -10.24 29.62 -13.76
N LYS B 241 -11.50 29.77 -13.31
CA LYS B 241 -11.83 30.82 -12.35
C LYS B 241 -11.04 30.66 -11.06
N ALA B 242 -10.92 29.44 -10.57
CA ALA B 242 -10.32 29.22 -9.26
C ALA B 242 -8.80 29.14 -9.35
N ALA B 243 -8.17 29.40 -8.21
CA ALA B 243 -6.78 29.02 -7.94
C ALA B 243 -5.73 29.79 -8.74
N GLU B 244 -4.49 29.65 -8.31
CA GLU B 244 -3.30 30.15 -9.00
C GLU B 244 -2.68 29.09 -9.91
N LEU B 245 -3.35 27.97 -10.09
CA LEU B 245 -2.80 26.86 -10.88
C LEU B 245 -2.56 27.24 -12.33
N ALA B 246 -3.08 28.38 -12.79
CA ALA B 246 -3.01 28.72 -14.21
C ALA B 246 -1.57 28.91 -14.68
N ASN B 247 -0.67 29.35 -13.79
CA ASN B 247 0.71 29.54 -14.21
C ASN B 247 1.39 28.21 -14.49
N LEU B 248 1.16 27.21 -13.63
CA LEU B 248 1.74 25.89 -13.87
C LEU B 248 1.09 25.17 -15.05
N ILE B 249 -0.20 25.42 -15.28
CA ILE B 249 -0.87 24.82 -16.43
C ILE B 249 -0.29 25.35 -17.73
N ASN B 250 0.05 26.63 -17.77
CA ASN B 250 0.58 27.23 -18.99
C ASN B 250 1.98 26.72 -19.29
N ASN B 251 2.81 26.52 -18.27
CA ASN B 251 4.14 25.99 -18.50
C ASN B 251 4.09 24.54 -18.97
N CYS B 252 3.23 23.73 -18.34
CA CYS B 252 3.08 22.34 -18.77
C CYS B 252 2.45 22.24 -20.14
N MET B 253 1.53 23.15 -20.47
CA MET B 253 0.88 23.16 -21.78
C MET B 253 1.55 24.15 -22.73
N ASP B 254 2.88 24.07 -22.84
CA ASP B 254 3.61 24.88 -23.79
C ASP B 254 3.62 24.18 -25.14
N TYR B 255 3.33 24.94 -26.20
CA TYR B 255 3.27 24.37 -27.54
C TYR B 255 4.62 23.83 -28.01
N GLU B 256 5.73 24.34 -27.45
CA GLU B 256 7.03 23.76 -27.71
C GLU B 256 7.28 22.63 -26.72
N PRO B 257 7.46 21.39 -27.18
CA PRO B 257 7.65 20.28 -26.23
C PRO B 257 8.91 20.39 -25.41
N ASP B 258 9.95 21.07 -25.93
CA ASP B 258 11.22 21.16 -25.24
C ASP B 258 11.21 22.16 -24.09
N HIS B 259 10.15 22.95 -23.93
CA HIS B 259 10.04 23.90 -22.83
C HIS B 259 9.21 23.37 -21.67
N ARG B 260 8.48 22.28 -21.86
CA ARG B 260 7.67 21.72 -20.79
C ARG B 260 8.55 21.19 -19.67
N PRO B 261 8.28 21.51 -18.42
CA PRO B 261 9.19 21.14 -17.34
C PRO B 261 9.09 19.67 -16.97
N SER B 262 10.14 19.19 -16.30
CA SER B 262 10.14 17.84 -15.79
C SER B 262 9.21 17.74 -14.58
N PHE B 263 8.88 16.49 -14.21
CA PHE B 263 7.97 16.30 -13.08
C PHE B 263 8.68 16.47 -11.75
N ARG B 264 9.99 16.28 -11.69
CA ARG B 264 10.74 16.69 -10.50
C ARG B 264 10.71 18.20 -10.35
N ALA B 265 10.69 18.93 -11.47
CA ALA B 265 10.50 20.36 -11.42
C ALA B 265 9.09 20.73 -10.99
N ILE B 266 8.09 19.97 -11.47
CA ILE B 266 6.71 20.23 -11.11
C ILE B 266 6.48 19.92 -9.62
N ILE B 267 7.10 18.84 -9.13
CA ILE B 267 6.98 18.50 -7.71
C ILE B 267 7.59 19.60 -6.85
N ARG B 268 8.70 20.19 -7.32
CA ARG B 268 9.31 21.30 -6.59
C ARG B 268 8.40 22.52 -6.57
N ASP B 269 7.83 22.87 -7.73
CA ASP B 269 6.97 24.05 -7.80
C ASP B 269 5.69 23.87 -6.98
N LEU B 270 5.20 22.64 -6.83
CA LEU B 270 4.05 22.40 -5.99
C LEU B 270 4.39 22.47 -4.50
N ASN B 271 5.62 22.10 -4.14
CA ASN B 271 6.05 22.15 -2.75
C ASN B 271 6.48 23.54 -2.31
N SER B 272 6.70 24.47 -3.24
CA SER B 272 7.09 25.83 -2.92
C SER B 272 5.90 26.70 -2.52
N LEU B 273 4.71 26.12 -2.41
CA LEU B 273 3.52 26.89 -2.07
C LEU B 273 3.02 26.52 -0.69
O1 35R C . 3.59 -10.55 23.42
C2 35R C . 4.40 -11.42 23.45
N3 35R C . 5.82 -11.11 23.28
C4 35R C . 6.79 -12.21 23.31
C5 35R C . 8.19 -11.86 23.83
C6 35R C . 7.23 -12.66 24.71
N7 35R C . 4.02 -12.82 23.62
C8 35R C . 2.65 -13.31 23.80
C9 35R C . 1.48 -12.62 23.58
N10 35R C . 0.41 -13.49 23.88
N12 35R C . 0.95 -14.73 24.28
C13 35R C . 2.31 -14.63 24.22
C14 35R C . 3.35 -15.72 24.57
N15 35R C . 4.70 -15.52 24.70
C16 35R C . 5.20 -16.93 25.07
C17 35R C . 6.46 -17.50 25.35
C18 35R C . 6.53 -18.88 25.65
C19 35R C . 5.37 -19.71 25.67
C20 35R C . 5.45 -21.23 26.01
N21 35R C . 6.34 -22.03 25.17
C23 35R C . 5.91 -23.41 25.28
C24 35R C . 6.71 -24.33 24.39
O25 35R C . 7.68 -23.67 23.65
C26 35R C . 7.11 -22.64 22.87
C27 35R C . 6.29 -21.61 23.76
C28 35R C . 4.14 -19.11 25.39
C29 35R C . 4.04 -17.78 25.09
N30 35R C . 3.12 -16.96 24.81
O1 35R D . -9.77 1.79 -14.98
C2 35R D . -10.76 2.41 -14.74
N3 35R D . -11.35 3.30 -15.74
C4 35R D . -12.58 4.03 -15.40
C5 35R D . -13.53 4.31 -16.59
C6 35R D . -13.89 3.25 -15.54
N7 35R D . -11.44 2.29 -13.44
C8 35R D . -10.98 1.45 -12.34
C9 35R D . -9.78 0.80 -12.21
N10 35R D . -9.79 0.11 -10.98
N12 35R D . -11.03 0.35 -10.35
C13 35R D . -11.76 1.18 -11.17
C14 35R D . -13.19 1.70 -10.93
N15 35R D . -13.96 2.36 -11.85
C16 35R D . -15.27 2.59 -11.08
C17 35R D . -16.49 3.20 -11.37
C18 35R D . -17.52 3.21 -10.37
C19 35R D . -17.30 2.64 -9.10
C20 35R D . -18.42 2.63 -8.00
N21 35R D . -18.90 3.96 -7.59
C23 35R D . -19.47 3.84 -6.27
C24 35R D . -19.96 5.16 -5.72
O25 35R D . -19.72 6.22 -6.58
C26 35R D . -18.36 6.31 -6.94
C27 35R D . -17.83 4.96 -7.56
C28 35R D . -16.07 2.02 -8.83
C29 35R D . -15.08 2.00 -9.78
N30 35R D . -13.90 1.55 -9.87
#